data_4MOF
#
_entry.id   4MOF
#
_cell.length_a   102.340
_cell.length_b   102.340
_cell.length_c   128.510
_cell.angle_alpha   90.00
_cell.angle_beta   90.00
_cell.angle_gamma   90.00
#
_symmetry.space_group_name_H-M   'P 42 21 2'
#
loop_
_entity.id
_entity.type
_entity.pdbx_description
1 polymer 'Pyranose 2-oxidase'
2 non-polymer 'DIHYDROFLAVINE-ADENINE DINUCLEOTIDE'
3 non-polymer 2-deoxy-2-fluoro-alpha-D-glucopyranose
4 water water
#
_entity_poly.entity_id   1
_entity_poly.type   'polypeptide(L)'
_entity_poly.pdbx_seq_one_letter_code
;MATSSSDPFFNFAKSSFRSAAAQKASASSLPPLPGPDKKVPGMDIKYDVVIVGSGPIGCTYARELVGAGYKVAMFDIGEI
DSGLKIGAHKKNTVEYQKNIDKFVNVIQGQLMSVSVPVNTLVVDTLSPTSWQASTFFVRNGSNPEQDPLRNLSGQAVTRV
VGGMSTHWTCATPRFDREQRPLLVKDDADADDAEWDRLYTKAESYFQTGTDQFKESIRHNLVLNKLTEEYKGQRDFQQIP
LAATRRSPTFVEWSSANTVFDLQNRPNTDAPEERFNLFPAVACERVVRNALNSEIESLHIHDLISGDRFEIKADVYVLTA
GAVHNTQLLVNSGFGQLGRPNPANPPELLPSLGSYITEQSLVFCQTVMSTELIDSVKSDMTIRGTPGELTYSVTYTPGAS
TNKHPDWWNEKVKNHMMQHQEDPLPIPFEDPEPQVTTLFQPSHPWHTQIGRDAFSYGAVQQSIDSRLIVDWRFFGRTEPK
EENKLWFSDKITDAYNMPQPTFDFRFPAGRTSKEAEDMMTDMCVMSAKIGGFLPGSLPQFMEPGLVLHLGGTHRMGFDEK
EDNCCVNTDSRVFGFKNLFLGGCGNIPTAYGANPTLTAMSLAIKSCEYIKQNFTPSPFTSEAAAALEHHHHHH
;
_entity_poly.pdbx_strand_id   A
#
loop_
_chem_comp.id
_chem_comp.type
_chem_comp.name
_chem_comp.formula
FDA non-polymer 'DIHYDROFLAVINE-ADENINE DINUCLEOTIDE' 'C27 H35 N9 O15 P2'
G2F D-saccharide, alpha linking 2-deoxy-2-fluoro-alpha-D-glucopyranose 'C6 H11 F O5'
#
# COMPACT_ATOMS: atom_id res chain seq x y z
N LYS A 46 -6.42 -32.10 8.35
CA LYS A 46 -7.69 -31.46 7.87
C LYS A 46 -7.95 -30.13 8.60
N TYR A 47 -8.14 -29.04 7.88
CA TYR A 47 -8.51 -27.76 8.52
C TYR A 47 -9.89 -27.30 8.13
N ASP A 48 -10.48 -26.37 8.90
CA ASP A 48 -11.78 -25.83 8.45
C ASP A 48 -11.51 -24.81 7.31
N VAL A 49 -10.50 -23.96 7.53
CA VAL A 49 -10.17 -22.94 6.58
C VAL A 49 -8.65 -22.90 6.37
N VAL A 50 -8.25 -22.71 5.12
CA VAL A 50 -6.86 -22.49 4.76
C VAL A 50 -6.78 -21.10 4.06
N ILE A 51 -5.80 -20.31 4.50
CA ILE A 51 -5.56 -18.94 3.97
C ILE A 51 -4.16 -18.94 3.38
N VAL A 52 -4.04 -18.49 2.14
CA VAL A 52 -2.73 -18.43 1.47
C VAL A 52 -2.34 -16.97 1.53
N GLY A 53 -1.28 -16.70 2.30
CA GLY A 53 -0.77 -15.30 2.51
C GLY A 53 -1.07 -14.74 3.90
N SER A 54 -0.03 -14.16 4.51
CA SER A 54 -0.11 -13.60 5.85
C SER A 54 -0.02 -12.08 5.81
N GLY A 55 -0.30 -11.43 4.67
CA GLY A 55 -0.40 -9.97 4.63
C GLY A 55 -1.66 -9.52 5.42
N PRO A 56 -1.95 -8.21 5.43
CA PRO A 56 -3.06 -7.69 6.20
C PRO A 56 -4.39 -8.19 5.76
N ILE A 57 -4.50 -8.61 4.48
CA ILE A 57 -5.83 -9.10 4.07
C ILE A 57 -6.03 -10.56 4.53
N GLY A 58 -5.01 -11.39 4.37
CA GLY A 58 -5.06 -12.70 4.96
C GLY A 58 -5.30 -12.66 6.47
N CYS A 59 -4.68 -11.68 7.17
CA CYS A 59 -4.89 -11.54 8.62
C CYS A 59 -6.27 -11.05 8.98
N THR A 60 -6.95 -10.40 8.02
CA THR A 60 -8.34 -10.06 8.23
C THR A 60 -9.20 -11.32 8.30
N TYR A 61 -8.97 -12.23 7.35
CA TYR A 61 -9.65 -13.48 7.34
C TYR A 61 -9.32 -14.25 8.59
N ALA A 62 -8.04 -14.31 8.98
CA ALA A 62 -7.70 -15.00 10.24
C ALA A 62 -8.36 -14.41 11.44
N ARG A 63 -8.26 -13.08 11.59
CA ARG A 63 -8.90 -12.42 12.70
C ARG A 63 -10.39 -12.88 12.82
N GLU A 64 -11.12 -12.77 11.72
CA GLU A 64 -12.58 -13.00 11.75
C GLU A 64 -12.91 -14.48 11.99
N LEU A 65 -12.17 -15.36 11.31
CA LEU A 65 -12.51 -16.78 11.30
C LEU A 65 -11.92 -17.51 12.49
N VAL A 66 -10.70 -17.16 12.94
CA VAL A 66 -10.17 -17.76 14.16
C VAL A 66 -11.07 -17.34 15.34
N GLY A 67 -11.51 -16.10 15.31
CA GLY A 67 -12.33 -15.54 16.36
C GLY A 67 -13.68 -16.22 16.40
N ALA A 68 -14.21 -16.58 15.23
CA ALA A 68 -15.50 -17.28 15.11
C ALA A 68 -15.40 -18.81 15.42
N GLY A 69 -14.21 -19.28 15.71
CA GLY A 69 -14.03 -20.66 16.19
C GLY A 69 -13.67 -21.65 15.08
N TYR A 70 -13.29 -21.16 13.90
CA TYR A 70 -12.80 -22.05 12.87
C TYR A 70 -11.39 -22.56 13.14
N LYS A 71 -11.14 -23.79 12.74
CA LYS A 71 -9.80 -24.36 12.71
C LYS A 71 -9.03 -23.89 11.44
N VAL A 72 -8.09 -22.96 11.64
CA VAL A 72 -7.47 -22.22 10.53
C VAL A 72 -6.00 -22.55 10.39
N ALA A 73 -5.58 -22.81 9.14
CA ALA A 73 -4.19 -22.83 8.75
C ALA A 73 -3.87 -21.68 7.81
N MET A 74 -2.68 -21.09 7.94
CA MET A 74 -2.25 -20.03 7.01
C MET A 74 -0.85 -20.40 6.55
N PHE A 75 -0.60 -20.26 5.25
CA PHE A 75 0.66 -20.46 4.62
C PHE A 75 1.22 -19.18 4.07
N ASP A 76 2.54 -19.03 4.20
CA ASP A 76 3.22 -17.91 3.57
C ASP A 76 4.50 -18.43 2.98
N ILE A 77 4.77 -18.01 1.73
CA ILE A 77 5.97 -18.39 1.01
C ILE A 77 7.21 -17.75 1.62
N GLY A 78 7.02 -16.64 2.36
CA GLY A 78 8.15 -15.98 3.05
C GLY A 78 8.24 -16.42 4.50
N GLU A 79 9.12 -15.75 5.26
CA GLU A 79 9.50 -16.23 6.58
C GLU A 79 9.27 -15.14 7.61
N ILE A 80 9.27 -15.55 8.87
CA ILE A 80 9.11 -14.65 9.98
C ILE A 80 10.35 -13.77 10.03
N ASP A 81 10.12 -12.48 10.01
CA ASP A 81 11.07 -11.38 9.79
C ASP A 81 11.01 -10.04 10.54
N SER A 82 10.15 -9.92 11.53
CA SER A 82 9.90 -8.66 12.17
C SER A 82 10.21 -8.66 13.69
N GLY A 83 10.98 -9.59 14.22
CA GLY A 83 11.10 -9.65 15.67
C GLY A 83 10.05 -10.59 16.28
N LEU A 84 9.79 -10.50 17.58
CA LEU A 84 8.93 -11.42 18.28
C LEU A 84 7.44 -11.07 17.98
N LYS A 85 7.19 -9.88 17.49
CA LYS A 85 5.81 -9.58 17.08
C LYS A 85 5.74 -10.02 15.64
N ILE A 86 5.09 -11.14 15.43
CA ILE A 86 5.10 -11.76 14.11
C ILE A 86 4.28 -10.94 13.08
N GLY A 87 4.93 -10.63 11.92
CA GLY A 87 4.27 -9.82 10.91
C GLY A 87 4.12 -8.36 11.23
N ALA A 88 4.89 -7.86 12.19
CA ALA A 88 4.77 -6.46 12.57
C ALA A 88 5.51 -5.50 11.65
N HIS A 89 5.23 -4.19 11.84
CA HIS A 89 5.93 -3.17 11.05
C HIS A 89 7.38 -3.07 11.39
N LYS A 90 8.22 -3.15 10.40
CA LYS A 90 9.65 -3.08 10.61
C LYS A 90 10.20 -1.77 11.06
N LYS A 91 9.40 -0.72 10.95
CA LYS A 91 9.81 0.69 11.27
C LYS A 91 9.60 0.94 12.74
N ASN A 92 8.99 0.01 13.47
CA ASN A 92 8.74 0.18 14.91
C ASN A 92 9.95 -0.13 15.84
N THR A 93 11.18 0.00 15.39
CA THR A 93 12.28 -0.14 16.28
C THR A 93 12.66 1.22 16.73
N VAL A 94 13.26 1.28 17.91
CA VAL A 94 13.79 2.58 18.40
C VAL A 94 14.85 3.13 17.39
N GLU A 95 15.71 2.25 16.89
CA GLU A 95 16.73 2.60 15.96
C GLU A 95 16.17 3.20 14.66
N TYR A 96 15.09 2.63 14.10
CA TYR A 96 14.54 3.22 12.86
C TYR A 96 13.85 4.50 13.11
N GLN A 97 13.23 4.67 14.25
CA GLN A 97 12.61 5.96 14.50
C GLN A 97 13.56 7.06 14.91
N LYS A 98 14.81 6.70 15.24
CA LYS A 98 15.89 7.65 15.41
C LYS A 98 16.71 7.88 14.11
N ASN A 99 16.47 7.09 13.07
CA ASN A 99 17.28 7.11 11.85
C ASN A 99 16.35 6.81 10.72
N ILE A 100 15.32 7.62 10.56
CA ILE A 100 14.27 7.25 9.66
C ILE A 100 14.69 7.23 8.22
N ASP A 101 15.64 8.09 7.86
CA ASP A 101 16.23 8.06 6.54
C ASP A 101 16.91 6.75 6.14
N LYS A 102 17.09 5.83 7.05
CA LYS A 102 17.67 4.53 6.70
C LYS A 102 16.58 3.52 6.34
N PHE A 103 15.28 3.80 6.64
CA PHE A 103 14.21 2.81 6.42
C PHE A 103 13.99 2.49 4.96
N VAL A 104 14.30 3.42 4.08
CA VAL A 104 14.15 3.14 2.62
C VAL A 104 14.90 1.87 2.22
N ASN A 105 16.02 1.64 2.89
CA ASN A 105 16.76 0.40 2.62
C ASN A 105 15.99 -0.89 2.94
N VAL A 106 15.19 -0.89 4.00
CA VAL A 106 14.37 -2.06 4.33
C VAL A 106 13.35 -2.25 3.23
N ILE A 107 12.71 -1.16 2.81
CA ILE A 107 11.73 -1.27 1.71
C ILE A 107 12.34 -1.86 0.45
N GLN A 108 13.45 -1.29 0.03
CA GLN A 108 14.09 -1.70 -1.25
C GLN A 108 14.56 -3.18 -1.15
N GLY A 109 15.00 -3.55 0.05
CA GLY A 109 15.49 -4.91 0.29
C GLY A 109 14.38 -5.98 0.20
N GLN A 110 13.11 -5.61 0.20
CA GLN A 110 12.03 -6.59 0.06
C GLN A 110 10.99 -6.28 -1.04
N LEU A 111 11.45 -5.51 -2.04
CA LEU A 111 10.67 -5.31 -3.28
C LEU A 111 11.37 -6.00 -4.42
N MET A 112 10.84 -7.15 -4.76
CA MET A 112 11.44 -7.96 -5.82
C MET A 112 10.61 -7.70 -7.11
N SER A 113 11.29 -7.23 -8.15
CA SER A 113 10.67 -6.78 -9.39
C SER A 113 9.87 -7.90 -10.04
N VAL A 114 8.66 -7.58 -10.44
CA VAL A 114 7.75 -8.59 -11.03
C VAL A 114 8.20 -9.07 -12.41
N SER A 115 8.51 -8.11 -13.29
CA SER A 115 8.84 -8.44 -14.69
C SER A 115 9.89 -7.47 -15.22
N VAL A 116 11.10 -7.99 -15.48
CA VAL A 116 12.26 -7.19 -15.91
C VAL A 116 12.49 -7.59 -17.37
N PRO A 117 12.36 -6.67 -18.31
CA PRO A 117 12.56 -7.04 -19.74
C PRO A 117 14.04 -7.32 -19.98
N VAL A 118 14.33 -7.91 -21.08
CA VAL A 118 15.74 -8.17 -21.52
C VAL A 118 16.47 -6.83 -21.70
N ASN A 119 17.68 -6.76 -21.19
CA ASN A 119 18.45 -5.52 -21.12
C ASN A 119 19.19 -5.36 -22.49
N THR A 120 19.28 -4.14 -23.03
CA THR A 120 19.96 -3.89 -24.33
C THR A 120 20.95 -2.72 -24.16
N LEU A 121 21.42 -2.46 -22.95
CA LEU A 121 22.44 -1.44 -22.78
C LEU A 121 23.77 -1.86 -23.40
N VAL A 122 24.44 -0.92 -24.05
CA VAL A 122 25.65 -1.22 -24.78
C VAL A 122 26.83 -0.89 -23.90
N VAL A 123 27.62 -1.89 -23.56
CA VAL A 123 28.90 -1.63 -22.87
C VAL A 123 30.00 -1.94 -23.89
N ASP A 124 30.70 -0.92 -24.34
CA ASP A 124 31.72 -1.10 -25.35
C ASP A 124 33.10 -0.73 -24.86
N THR A 125 33.28 -0.65 -23.54
CA THR A 125 34.62 -0.40 -22.96
C THR A 125 35.14 -1.54 -22.12
N LEU A 126 34.67 -2.76 -22.42
CA LEU A 126 35.33 -3.96 -21.85
C LEU A 126 36.70 -4.09 -22.41
N SER A 127 37.61 -4.70 -21.65
CA SER A 127 38.90 -5.08 -22.15
C SER A 127 38.71 -6.08 -23.30
N PRO A 128 39.56 -5.99 -24.36
CA PRO A 128 39.53 -6.97 -25.43
C PRO A 128 39.60 -8.45 -24.93
N THR A 129 40.23 -8.71 -23.79
CA THR A 129 40.40 -10.11 -23.31
C THR A 129 39.09 -10.67 -22.66
N SER A 130 38.20 -9.80 -22.23
CA SER A 130 36.96 -10.19 -21.55
C SER A 130 35.96 -10.80 -22.51
N TRP A 131 35.21 -11.80 -22.03
CA TRP A 131 34.17 -12.44 -22.83
C TRP A 131 33.11 -11.45 -23.15
N GLN A 132 32.70 -11.42 -24.41
CA GLN A 132 31.86 -10.28 -24.88
C GLN A 132 30.74 -10.91 -25.70
N ALA A 133 29.54 -10.33 -25.47
CA ALA A 133 28.29 -10.82 -26.05
C ALA A 133 28.24 -10.45 -27.51
N SER A 134 27.65 -11.30 -28.39
CA SER A 134 27.27 -10.86 -29.77
C SER A 134 25.85 -10.45 -29.88
N THR A 135 25.05 -10.78 -28.89
CA THR A 135 23.62 -10.40 -28.90
C THR A 135 23.20 -10.00 -27.47
N PHE A 136 22.00 -9.43 -27.37
CA PHE A 136 21.40 -9.12 -26.06
C PHE A 136 20.58 -10.29 -25.61
N PHE A 137 21.28 -11.31 -25.20
CA PHE A 137 20.62 -12.58 -24.91
C PHE A 137 19.92 -12.54 -23.57
N VAL A 138 19.15 -13.59 -23.26
CA VAL A 138 18.33 -13.54 -22.03
C VAL A 138 19.25 -13.77 -20.83
N ARG A 139 19.52 -12.75 -20.03
CA ARG A 139 20.52 -12.69 -18.97
C ARG A 139 19.84 -12.35 -17.61
N ASN A 140 20.48 -12.82 -16.56
CA ASN A 140 20.24 -12.27 -15.23
C ASN A 140 18.75 -12.37 -14.76
N GLY A 141 18.08 -13.42 -15.19
CA GLY A 141 16.69 -13.62 -14.82
C GLY A 141 15.66 -12.74 -15.47
N SER A 142 16.06 -12.02 -16.52
CA SER A 142 15.10 -11.22 -17.25
C SER A 142 14.03 -12.07 -17.96
N ASN A 143 12.91 -11.44 -18.27
CA ASN A 143 11.74 -12.05 -18.82
C ASN A 143 11.67 -11.74 -20.33
N PRO A 144 11.95 -12.72 -21.20
CA PRO A 144 11.91 -12.41 -22.62
C PRO A 144 10.52 -12.15 -23.17
N GLU A 145 9.48 -12.48 -22.41
CA GLU A 145 8.13 -12.24 -22.91
C GLU A 145 7.76 -10.77 -22.81
N GLN A 146 8.44 -10.01 -21.92
CA GLN A 146 8.02 -8.71 -21.59
C GLN A 146 8.41 -7.65 -22.61
N ASP A 147 7.42 -6.93 -23.12
CA ASP A 147 7.69 -5.71 -23.96
C ASP A 147 8.11 -4.59 -22.99
N PRO A 148 9.35 -4.08 -23.12
CA PRO A 148 9.78 -3.03 -22.18
C PRO A 148 8.95 -1.78 -22.24
N LEU A 149 8.27 -1.56 -23.34
CA LEU A 149 7.48 -0.35 -23.57
C LEU A 149 6.02 -0.50 -23.10
N ARG A 150 5.62 -1.68 -22.64
CA ARG A 150 4.21 -1.86 -22.18
C ARG A 150 4.23 -2.61 -20.84
N ASN A 151 5.07 -2.10 -19.99
CA ASN A 151 5.36 -2.74 -18.68
C ASN A 151 4.85 -1.92 -17.54
N LEU A 152 4.76 -2.56 -16.38
CA LEU A 152 4.81 -1.85 -15.10
C LEU A 152 6.14 -2.16 -14.44
N SER A 153 7.16 -1.46 -14.91
CA SER A 153 8.49 -1.77 -14.49
C SER A 153 8.75 -1.62 -13.02
N GLY A 154 8.00 -0.74 -12.34
CA GLY A 154 8.17 -0.61 -10.93
C GLY A 154 7.43 -1.60 -10.06
N GLN A 155 6.56 -2.42 -10.65
CA GLN A 155 5.81 -3.38 -9.86
C GLN A 155 6.77 -4.33 -9.27
N ALA A 156 6.51 -4.70 -8.02
CA ALA A 156 7.35 -5.51 -7.19
C ALA A 156 6.47 -6.24 -6.16
N VAL A 157 6.99 -7.31 -5.60
CA VAL A 157 6.33 -8.11 -4.60
C VAL A 157 7.25 -8.36 -3.41
N THR A 158 6.62 -8.60 -2.28
CA THR A 158 7.28 -8.81 -0.98
C THR A 158 6.91 -10.16 -0.38
N ARG A 159 7.92 -11.02 -0.17
CA ARG A 159 7.68 -12.35 0.34
C ARG A 159 8.30 -12.47 1.77
N VAL A 160 7.51 -12.06 2.72
CA VAL A 160 7.85 -12.07 4.14
C VAL A 160 6.56 -12.24 4.94
N VAL A 161 6.60 -12.78 6.15
CA VAL A 161 5.38 -12.89 6.96
C VAL A 161 4.91 -11.46 7.31
N GLY A 162 3.63 -11.17 7.12
CA GLY A 162 3.04 -9.81 7.17
C GLY A 162 2.96 -9.16 5.84
N GLY A 163 3.60 -9.73 4.81
CA GLY A 163 3.58 -9.10 3.46
C GLY A 163 4.08 -7.65 3.43
N MET A 164 3.47 -6.82 2.59
CA MET A 164 3.97 -5.48 2.39
C MET A 164 3.58 -4.62 3.59
N SER A 165 2.73 -5.13 4.48
CA SER A 165 2.40 -4.38 5.70
C SER A 165 3.52 -4.31 6.72
N THR A 166 4.64 -5.02 6.50
CA THR A 166 5.81 -4.89 7.35
C THR A 166 6.64 -3.63 6.96
N HIS A 167 6.29 -2.95 5.85
CA HIS A 167 7.01 -1.73 5.36
C HIS A 167 6.18 -0.52 4.92
N TRP A 168 4.86 -0.72 4.81
CA TRP A 168 3.94 0.28 4.24
C TRP A 168 3.82 1.60 5.02
N THR A 169 3.27 2.60 4.38
CA THR A 169 3.17 3.92 4.91
C THR A 169 2.03 4.07 5.93
N CYS A 170 1.10 3.15 5.92
CA CYS A 170 -0.03 3.18 6.88
C CYS A 170 -1.13 4.16 6.55
N ALA A 171 -1.15 4.67 5.31
CA ALA A 171 -2.21 5.57 4.94
C ALA A 171 -3.49 4.78 4.58
N THR A 172 -4.64 5.12 5.24
CA THR A 172 -5.87 4.35 5.09
C THR A 172 -7.05 5.24 4.92
N PRO A 173 -7.12 5.93 3.78
CA PRO A 173 -8.35 6.66 3.45
C PRO A 173 -9.48 5.79 2.96
N ARG A 174 -10.73 6.24 3.20
CA ARG A 174 -11.92 5.70 2.56
C ARG A 174 -11.99 6.16 1.12
N PHE A 175 -12.60 5.33 0.28
CA PHE A 175 -12.98 5.80 -1.04
C PHE A 175 -14.38 6.46 -0.93
N ASP A 176 -14.53 7.56 -1.64
CA ASP A 176 -15.85 8.18 -1.88
C ASP A 176 -16.61 7.40 -2.98
N ARG A 177 -17.87 7.73 -3.17
CA ARG A 177 -18.68 6.98 -4.13
C ARG A 177 -17.99 6.81 -5.51
N GLU A 178 -17.38 7.90 -5.98
CA GLU A 178 -16.83 7.94 -7.34
C GLU A 178 -15.76 6.86 -7.62
N GLN A 179 -15.07 6.43 -6.58
CA GLN A 179 -13.94 5.51 -6.67
C GLN A 179 -14.23 4.07 -6.29
N ARG A 180 -15.45 3.84 -5.79
CA ARG A 180 -15.82 2.66 -5.01
C ARG A 180 -16.77 1.75 -5.77
N PRO A 181 -16.56 0.41 -5.76
CA PRO A 181 -17.55 -0.49 -6.39
C PRO A 181 -18.86 -0.50 -5.56
N LEU A 182 -19.96 -0.81 -6.20
CA LEU A 182 -21.25 -0.88 -5.53
C LEU A 182 -21.31 -2.20 -4.77
N LEU A 183 -21.83 -2.14 -3.57
CA LEU A 183 -22.18 -3.36 -2.79
C LEU A 183 -23.67 -3.58 -2.76
N VAL A 184 -24.45 -2.54 -2.99
CA VAL A 184 -25.94 -2.64 -3.13
C VAL A 184 -26.30 -1.90 -4.40
N LYS A 185 -27.02 -2.58 -5.31
CA LYS A 185 -27.59 -1.92 -6.52
C LYS A 185 -28.79 -1.03 -6.22
N ASP A 186 -28.95 0.05 -6.97
CA ASP A 186 -30.19 0.79 -6.98
C ASP A 186 -30.60 1.34 -5.64
N ASP A 187 -29.65 1.60 -4.74
CA ASP A 187 -30.03 2.18 -3.47
C ASP A 187 -28.80 2.81 -2.87
N ALA A 188 -28.53 4.04 -3.29
CA ALA A 188 -27.30 4.77 -2.90
C ALA A 188 -27.14 4.91 -1.37
N ASP A 189 -28.25 5.14 -0.65
CA ASP A 189 -28.18 5.24 0.82
C ASP A 189 -27.86 3.93 1.45
N ALA A 190 -28.41 2.81 0.97
CA ALA A 190 -28.07 1.51 1.55
C ALA A 190 -26.61 1.14 1.25
N ASP A 191 -26.18 1.47 0.01
CA ASP A 191 -24.74 1.29 -0.36
C ASP A 191 -23.85 2.09 0.55
N ASP A 192 -24.13 3.37 0.74
CA ASP A 192 -23.35 4.20 1.71
C ASP A 192 -23.31 3.61 3.15
N ALA A 193 -24.45 3.18 3.65
CA ALA A 193 -24.52 2.63 4.99
C ALA A 193 -23.71 1.34 5.09
N GLU A 194 -23.76 0.50 4.04
CA GLU A 194 -22.97 -0.73 4.07
C GLU A 194 -21.46 -0.46 4.07
N TRP A 195 -21.03 0.43 3.21
CA TRP A 195 -19.61 0.75 3.22
C TRP A 195 -19.21 1.45 4.48
N ASP A 196 -20.07 2.31 5.04
CA ASP A 196 -19.70 2.92 6.30
C ASP A 196 -19.48 1.84 7.39
N ARG A 197 -20.35 0.86 7.43
CA ARG A 197 -20.27 -0.19 8.46
C ARG A 197 -18.94 -0.94 8.32
N LEU A 198 -18.65 -1.27 7.11
CA LEU A 198 -17.44 -2.07 6.82
C LEU A 198 -16.17 -1.28 7.06
N TYR A 199 -16.12 -0.07 6.56
CA TYR A 199 -14.93 0.75 6.77
C TYR A 199 -14.72 1.03 8.27
N THR A 200 -15.80 1.27 9.02
CA THR A 200 -15.65 1.50 10.46
C THR A 200 -14.97 0.33 11.15
N LYS A 201 -15.36 -0.90 10.76
CA LYS A 201 -14.80 -2.08 11.38
C LYS A 201 -13.32 -2.18 10.91
N ALA A 202 -13.06 -2.01 9.63
CA ALA A 202 -11.64 -2.04 9.09
C ALA A 202 -10.69 -1.03 9.82
N GLU A 203 -11.22 0.15 10.03
CA GLU A 203 -10.49 1.24 10.77
C GLU A 203 -10.15 0.80 12.17
N SER A 204 -11.10 0.12 12.85
CA SER A 204 -10.81 -0.46 14.17
C SER A 204 -9.73 -1.52 14.10
N TYR A 205 -9.76 -2.38 13.09
CA TYR A 205 -8.75 -3.46 13.00
C TYR A 205 -7.36 -2.86 12.78
N PHE A 206 -7.29 -1.79 11.97
CA PHE A 206 -5.99 -1.17 11.64
C PHE A 206 -5.60 -0.09 12.66
N GLN A 207 -6.52 0.29 13.53
CA GLN A 207 -6.31 1.39 14.52
C GLN A 207 -6.03 2.71 13.77
N THR A 208 -6.80 2.92 12.70
CA THR A 208 -6.82 4.18 11.92
C THR A 208 -7.22 5.37 12.80
N GLY A 209 -6.47 6.45 12.69
CA GLY A 209 -6.77 7.70 13.40
C GLY A 209 -6.36 8.90 12.54
N THR A 210 -6.81 10.08 12.95
CA THR A 210 -6.50 11.30 12.16
C THR A 210 -5.87 12.41 12.98
N ASP A 211 -5.29 12.06 14.14
CA ASP A 211 -4.88 13.04 15.17
C ASP A 211 -3.48 12.80 15.68
N GLN A 212 -2.81 11.75 15.21
CA GLN A 212 -1.51 11.39 15.74
C GLN A 212 -0.41 12.49 15.56
N PHE A 213 -0.60 13.37 14.55
CA PHE A 213 0.39 14.41 14.22
C PHE A 213 -0.05 15.83 14.63
N LYS A 214 -1.03 15.92 15.50
CA LYS A 214 -1.66 17.20 15.77
C LYS A 214 -0.73 18.14 16.54
N GLU A 215 0.29 17.59 17.20
CA GLU A 215 1.24 18.45 17.96
C GLU A 215 2.51 18.78 17.19
N SER A 216 2.54 18.53 15.91
CA SER A 216 3.66 18.97 15.05
C SER A 216 3.51 20.35 14.54
N ILE A 217 4.54 21.15 14.78
CA ILE A 217 4.60 22.49 14.19
C ILE A 217 4.54 22.45 12.68
N ARG A 218 5.39 21.64 12.07
CA ARG A 218 5.49 21.61 10.57
C ARG A 218 4.17 21.16 9.95
N HIS A 219 3.55 20.14 10.57
CA HIS A 219 2.28 19.63 10.14
C HIS A 219 1.26 20.72 10.08
N ASN A 220 1.10 21.43 11.18
CA ASN A 220 0.05 22.45 11.27
C ASN A 220 0.43 23.70 10.43
N LEU A 221 1.71 23.99 10.32
CA LEU A 221 2.13 25.10 9.41
C LEU A 221 1.66 24.85 8.00
N VAL A 222 1.91 23.66 7.53
CA VAL A 222 1.55 23.36 6.14
C VAL A 222 0.01 23.27 6.01
N LEU A 223 -0.59 22.53 6.93
CA LEU A 223 -2.03 22.36 6.93
C LEU A 223 -2.79 23.68 6.90
N ASN A 224 -2.42 24.60 7.78
CA ASN A 224 -3.09 25.86 7.87
C ASN A 224 -2.87 26.75 6.62
N LYS A 225 -1.69 26.71 6.02
CA LYS A 225 -1.44 27.54 4.88
C LYS A 225 -2.30 27.03 3.68
N LEU A 226 -2.38 25.71 3.55
CA LEU A 226 -3.12 25.12 2.42
C LEU A 226 -4.64 25.39 2.66
N THR A 227 -5.07 25.25 3.91
CA THR A 227 -6.51 25.57 4.19
C THR A 227 -6.81 27.05 3.79
N GLU A 228 -6.02 27.99 4.25
CA GLU A 228 -6.19 29.40 3.92
C GLU A 228 -6.14 29.63 2.40
N GLU A 229 -5.16 29.06 1.71
CA GLU A 229 -5.01 29.29 0.26
C GLU A 229 -6.16 28.75 -0.61
N TYR A 230 -6.85 27.69 -0.19
CA TYR A 230 -7.93 27.10 -0.91
C TYR A 230 -9.27 27.31 -0.21
N LYS A 231 -9.32 28.37 0.54
CA LYS A 231 -10.47 28.68 1.38
C LYS A 231 -11.76 28.46 0.63
N GLY A 232 -12.54 27.45 1.02
CA GLY A 232 -13.83 27.24 0.37
C GLY A 232 -13.79 26.71 -1.04
N GLN A 233 -12.67 26.14 -1.43
CA GLN A 233 -12.64 25.40 -2.65
C GLN A 233 -12.24 23.96 -2.29
N ARG A 234 -11.29 23.77 -1.36
CA ARG A 234 -10.85 22.39 -0.99
C ARG A 234 -10.64 22.26 0.51
N ASP A 235 -10.80 21.06 1.01
CA ASP A 235 -10.58 20.78 2.42
C ASP A 235 -9.28 19.98 2.62
N PHE A 236 -8.52 20.37 3.64
CA PHE A 236 -7.34 19.64 4.05
C PHE A 236 -7.49 19.03 5.43
N GLN A 237 -6.84 17.90 5.65
CA GLN A 237 -6.86 17.22 6.95
C GLN A 237 -5.61 16.38 7.12
N GLN A 238 -5.43 15.73 8.26
CA GLN A 238 -4.31 14.78 8.36
C GLN A 238 -4.65 13.57 7.50
N ILE A 239 -3.63 13.01 6.87
CA ILE A 239 -3.78 11.67 6.22
C ILE A 239 -4.26 10.69 7.29
N PRO A 240 -5.36 9.95 7.03
CA PRO A 240 -5.72 8.93 8.00
C PRO A 240 -4.65 7.83 8.01
N LEU A 241 -4.18 7.49 9.19
CA LEU A 241 -2.98 6.66 9.33
C LEU A 241 -3.31 5.56 10.36
N ALA A 242 -3.01 4.35 9.94
CA ALA A 242 -3.02 3.14 10.76
C ALA A 242 -1.82 3.13 11.69
N ALA A 243 -2.05 3.72 12.88
CA ALA A 243 -1.00 4.02 13.80
C ALA A 243 -1.51 4.53 15.14
N THR A 244 -0.67 4.32 16.12
CA THR A 244 -0.92 4.88 17.45
C THR A 244 0.37 5.54 17.99
N ARG A 245 0.28 6.81 18.33
CA ARG A 245 1.45 7.47 18.87
C ARG A 245 1.71 7.01 20.33
N ARG A 246 2.93 6.60 20.65
CA ARG A 246 3.25 6.25 22.01
C ARG A 246 3.95 7.35 22.83
N SER A 247 4.63 8.24 22.17
CA SER A 247 5.39 9.33 22.77
C SER A 247 5.62 10.40 21.69
N PRO A 248 6.14 11.53 22.07
CA PRO A 248 6.35 12.53 21.08
C PRO A 248 7.39 12.18 20.03
N THR A 249 8.17 11.13 20.26
CA THR A 249 9.18 10.72 19.32
C THR A 249 9.02 9.24 18.91
N PHE A 250 7.88 8.62 19.20
CA PHE A 250 7.68 7.25 18.76
C PHE A 250 6.25 6.95 18.37
N VAL A 251 6.12 6.43 17.14
CA VAL A 251 4.79 6.05 16.63
C VAL A 251 4.80 4.57 16.33
N GLU A 252 3.83 3.85 16.92
CA GLU A 252 3.64 2.47 16.64
C GLU A 252 2.75 2.33 15.42
N TRP A 253 3.44 2.05 14.33
CA TRP A 253 2.76 1.93 13.04
C TRP A 253 2.10 0.57 12.97
N SER A 254 0.92 0.53 12.43
CA SER A 254 0.15 -0.75 12.29
C SER A 254 0.63 -1.60 11.13
N SER A 255 0.19 -2.85 11.16
CA SER A 255 0.58 -3.82 10.20
C SER A 255 -0.38 -4.98 10.28
N ALA A 256 -0.05 -6.04 9.55
CA ALA A 256 -0.75 -7.32 9.72
C ALA A 256 -0.86 -7.82 11.19
N ASN A 257 0.23 -7.66 11.93
CA ASN A 257 0.26 -8.01 13.39
C ASN A 257 -0.83 -7.32 14.20
N THR A 258 -1.15 -6.07 13.84
CA THR A 258 -2.18 -5.31 14.52
C THR A 258 -3.51 -5.94 14.33
N VAL A 259 -3.73 -6.45 13.09
CA VAL A 259 -5.00 -7.06 12.71
C VAL A 259 -5.16 -8.44 13.35
N PHE A 260 -4.07 -9.23 13.35
CA PHE A 260 -4.06 -10.51 13.95
C PHE A 260 -2.61 -10.84 14.31
N ASP A 261 -2.36 -11.30 15.56
CA ASP A 261 -0.98 -11.38 16.02
C ASP A 261 -0.18 -12.57 15.49
N LEU A 262 -0.84 -13.46 14.75
CA LEU A 262 -0.21 -14.59 14.02
C LEU A 262 0.45 -15.59 14.92
N GLN A 263 0.16 -15.54 16.24
CA GLN A 263 0.63 -16.57 17.17
C GLN A 263 -0.19 -17.81 16.98
N ASN A 264 0.46 -18.96 17.05
CA ASN A 264 -0.34 -20.19 17.01
C ASN A 264 -1.33 -20.31 18.20
N ARG A 265 -2.44 -20.97 17.93
CA ARG A 265 -3.50 -21.16 18.89
C ARG A 265 -3.98 -22.61 18.85
N PRO A 266 -4.35 -23.16 20.01
CA PRO A 266 -4.56 -22.57 21.30
C PRO A 266 -3.29 -22.03 22.02
N ASN A 267 -3.49 -20.99 22.77
CA ASN A 267 -2.43 -20.54 23.67
C ASN A 267 -3.10 -19.92 24.91
N THR A 268 -2.30 -19.44 25.85
CA THR A 268 -2.85 -19.08 27.13
C THR A 268 -3.84 -17.93 27.01
N ASP A 269 -3.56 -17.00 26.12
CA ASP A 269 -4.45 -15.87 25.87
C ASP A 269 -5.65 -16.22 25.02
N ALA A 270 -5.58 -17.32 24.26
CA ALA A 270 -6.71 -17.74 23.42
C ALA A 270 -6.86 -19.29 23.45
N PRO A 271 -7.33 -19.84 24.60
CA PRO A 271 -7.31 -21.28 24.79
C PRO A 271 -8.32 -22.07 23.94
N GLU A 272 -9.37 -21.41 23.45
CA GLU A 272 -10.41 -22.11 22.65
C GLU A 272 -10.25 -21.79 21.15
N GLU A 273 -9.17 -21.14 20.76
CA GLU A 273 -8.96 -20.80 19.31
C GLU A 273 -7.94 -21.72 18.70
N ARG A 274 -8.04 -21.88 17.38
CA ARG A 274 -7.24 -22.83 16.60
C ARG A 274 -6.64 -22.13 15.37
N PHE A 275 -5.34 -21.92 15.43
CA PHE A 275 -4.62 -21.25 14.33
C PHE A 275 -3.22 -21.80 14.25
N ASN A 276 -2.76 -22.13 13.03
CA ASN A 276 -1.37 -22.45 12.77
C ASN A 276 -0.90 -21.71 11.54
N LEU A 277 0.19 -21.01 11.73
CA LEU A 277 0.95 -20.38 10.66
C LEU A 277 2.12 -21.26 10.22
N PHE A 278 2.22 -21.49 8.91
CA PHE A 278 3.29 -22.22 8.25
C PHE A 278 4.06 -21.32 7.26
N PRO A 279 5.15 -20.74 7.75
CA PRO A 279 6.03 -19.94 6.86
C PRO A 279 6.91 -20.81 5.93
N ALA A 280 7.55 -20.21 4.93
CA ALA A 280 8.41 -20.90 3.94
C ALA A 280 7.66 -22.04 3.21
N VAL A 281 6.40 -21.81 2.94
CA VAL A 281 5.61 -22.73 2.18
C VAL A 281 5.02 -22.04 0.97
N ALA A 282 5.47 -22.46 -0.19
CA ALA A 282 4.94 -21.95 -1.46
C ALA A 282 3.70 -22.71 -1.86
N CYS A 283 2.58 -22.00 -2.01
CA CYS A 283 1.38 -22.60 -2.39
C CYS A 283 1.29 -22.53 -3.91
N GLU A 284 1.00 -23.66 -4.56
CA GLU A 284 1.21 -23.74 -6.01
C GLU A 284 -0.11 -23.89 -6.84
N ARG A 285 -1.10 -24.59 -6.32
CA ARG A 285 -2.34 -24.87 -7.05
C ARG A 285 -3.47 -25.23 -6.16
N VAL A 286 -4.70 -24.84 -6.54
CA VAL A 286 -5.89 -25.37 -5.93
C VAL A 286 -6.48 -26.39 -6.91
N VAL A 287 -6.96 -27.51 -6.39
CA VAL A 287 -7.49 -28.58 -7.25
C VAL A 287 -8.99 -28.41 -7.37
N ARG A 288 -9.48 -28.40 -8.60
CA ARG A 288 -10.90 -28.23 -8.87
C ARG A 288 -11.55 -29.60 -9.00
N ASN A 289 -12.76 -29.81 -8.47
CA ASN A 289 -13.55 -30.98 -8.86
C ASN A 289 -13.91 -30.94 -10.33
N ALA A 290 -14.38 -32.08 -10.88
CA ALA A 290 -14.69 -32.13 -12.30
C ALA A 290 -15.85 -31.21 -12.67
N LEU A 291 -16.79 -31.01 -11.77
CA LEU A 291 -17.90 -30.04 -11.92
C LEU A 291 -17.49 -28.52 -11.94
N ASN A 292 -16.25 -28.22 -11.55
CA ASN A 292 -15.78 -26.80 -11.34
C ASN A 292 -16.82 -26.07 -10.41
N SER A 293 -17.21 -26.78 -9.35
CA SER A 293 -18.09 -26.28 -8.28
C SER A 293 -17.44 -26.20 -6.90
N GLU A 294 -16.23 -26.78 -6.71
CA GLU A 294 -15.67 -26.89 -5.41
C GLU A 294 -14.16 -27.11 -5.54
N ILE A 295 -13.38 -26.53 -4.63
CA ILE A 295 -11.96 -26.82 -4.54
C ILE A 295 -11.79 -27.99 -3.50
N GLU A 296 -10.94 -28.97 -3.88
CA GLU A 296 -10.75 -30.23 -3.14
C GLU A 296 -9.43 -30.29 -2.38
N SER A 297 -8.43 -29.54 -2.83
CA SER A 297 -7.20 -29.47 -2.07
C SER A 297 -6.33 -28.28 -2.51
N LEU A 298 -5.38 -27.95 -1.65
CA LEU A 298 -4.28 -26.98 -1.94
C LEU A 298 -2.94 -27.68 -1.97
N HIS A 299 -2.25 -27.59 -3.12
CA HIS A 299 -0.94 -28.26 -3.33
C HIS A 299 0.11 -27.21 -2.95
N ILE A 300 1.07 -27.63 -2.11
CA ILE A 300 2.08 -26.79 -1.49
C ILE A 300 3.46 -27.42 -1.71
N HIS A 301 4.46 -26.53 -1.58
CA HIS A 301 5.87 -26.91 -1.64
C HIS A 301 6.53 -26.37 -0.39
N ASP A 302 6.91 -27.29 0.51
CA ASP A 302 7.59 -26.88 1.73
C ASP A 302 9.02 -26.51 1.31
N LEU A 303 9.40 -25.27 1.49
CA LEU A 303 10.69 -24.84 1.01
C LEU A 303 11.88 -25.31 1.83
N ILE A 304 11.69 -25.61 3.09
CA ILE A 304 12.82 -26.09 3.89
C ILE A 304 13.10 -27.59 3.71
N SER A 305 12.10 -28.44 3.63
CA SER A 305 12.41 -29.89 3.33
C SER A 305 12.51 -30.15 1.81
N GLY A 306 11.83 -29.32 1.03
CA GLY A 306 11.75 -29.48 -0.44
C GLY A 306 10.57 -30.34 -0.86
N ASP A 307 9.82 -30.87 0.08
CA ASP A 307 8.85 -31.84 -0.25
C ASP A 307 7.55 -31.15 -0.63
N ARG A 308 6.75 -31.85 -1.44
CA ARG A 308 5.41 -31.38 -1.81
C ARG A 308 4.32 -32.16 -1.09
N PHE A 309 3.25 -31.47 -0.71
CA PHE A 309 2.13 -31.99 0.08
C PHE A 309 0.84 -31.45 -0.48
N GLU A 310 -0.27 -32.07 -0.05
CA GLU A 310 -1.64 -31.59 -0.34
C GLU A 310 -2.30 -31.29 0.99
N ILE A 311 -3.05 -30.22 1.07
CA ILE A 311 -3.73 -29.78 2.29
C ILE A 311 -5.24 -29.68 2.03
N LYS A 312 -6.02 -30.36 2.89
CA LYS A 312 -7.42 -30.36 2.72
C LYS A 312 -8.09 -29.41 3.70
N ALA A 313 -9.09 -28.69 3.20
CA ALA A 313 -9.87 -27.77 4.04
C ALA A 313 -11.34 -27.72 3.53
N ASP A 314 -12.24 -27.23 4.38
CA ASP A 314 -13.61 -26.87 3.95
C ASP A 314 -13.64 -25.62 3.06
N VAL A 315 -12.86 -24.61 3.41
CA VAL A 315 -12.86 -23.33 2.78
C VAL A 315 -11.44 -22.88 2.41
N TYR A 316 -11.25 -22.36 1.20
CA TYR A 316 -9.95 -21.92 0.75
C TYR A 316 -10.02 -20.43 0.48
N VAL A 317 -9.08 -19.67 1.05
CA VAL A 317 -8.97 -18.23 0.84
C VAL A 317 -7.60 -17.91 0.26
N LEU A 318 -7.55 -17.14 -0.85
CA LEU A 318 -6.30 -16.76 -1.48
C LEU A 318 -6.12 -15.28 -1.26
N THR A 319 -5.09 -14.94 -0.48
CA THR A 319 -4.72 -13.56 -0.17
C THR A 319 -3.21 -13.42 -0.39
N ALA A 320 -2.75 -13.81 -1.57
CA ALA A 320 -1.33 -13.82 -1.89
C ALA A 320 -0.85 -12.49 -2.55
N GLY A 321 -1.75 -11.52 -2.68
CA GLY A 321 -1.46 -10.28 -3.35
C GLY A 321 -2.03 -10.26 -4.78
N ALA A 322 -2.16 -9.06 -5.30
CA ALA A 322 -2.81 -8.86 -6.62
C ALA A 322 -2.12 -9.62 -7.73
N VAL A 323 -0.82 -9.75 -7.65
CA VAL A 323 -0.09 -10.56 -8.68
C VAL A 323 -0.16 -12.06 -8.39
N HIS A 324 0.22 -12.41 -7.19
CA HIS A 324 0.32 -13.84 -6.88
C HIS A 324 -0.97 -14.62 -6.67
N ASN A 325 -2.09 -13.95 -6.35
CA ASN A 325 -3.37 -14.63 -6.46
C ASN A 325 -3.66 -15.02 -7.91
N THR A 326 -3.35 -14.13 -8.85
CA THR A 326 -3.66 -14.36 -10.24
C THR A 326 -2.76 -15.51 -10.71
N GLN A 327 -1.47 -15.48 -10.30
CA GLN A 327 -0.55 -16.56 -10.67
C GLN A 327 -1.04 -17.95 -10.24
N LEU A 328 -1.48 -18.04 -9.01
CA LEU A 328 -1.90 -19.33 -8.44
C LEU A 328 -3.13 -19.86 -9.16
N LEU A 329 -4.04 -18.94 -9.45
CA LEU A 329 -5.29 -19.30 -10.12
C LEU A 329 -5.00 -19.77 -11.55
N VAL A 330 -4.15 -19.03 -12.26
CA VAL A 330 -3.84 -19.45 -13.60
C VAL A 330 -3.14 -20.82 -13.57
N ASN A 331 -2.27 -21.04 -12.58
CA ASN A 331 -1.54 -22.30 -12.44
C ASN A 331 -2.55 -23.41 -12.12
N SER A 332 -3.79 -23.03 -11.74
CA SER A 332 -4.79 -23.97 -11.33
C SER A 332 -5.86 -24.17 -12.38
N GLY A 333 -5.68 -23.63 -13.60
CA GLY A 333 -6.61 -23.86 -14.68
C GLY A 333 -7.73 -22.84 -14.77
N PHE A 334 -7.61 -21.72 -14.05
CA PHE A 334 -8.52 -20.58 -14.22
C PHE A 334 -7.89 -19.63 -15.22
N GLY A 335 -8.69 -18.84 -15.89
CA GLY A 335 -8.20 -17.94 -16.86
C GLY A 335 -7.51 -18.67 -18.00
N GLN A 336 -6.42 -18.08 -18.49
CA GLN A 336 -5.73 -18.63 -19.69
C GLN A 336 -4.26 -18.58 -19.37
N LEU A 337 -3.56 -19.69 -19.49
CA LEU A 337 -2.09 -19.69 -19.41
C LEU A 337 -1.46 -19.22 -20.70
N GLY A 338 -0.39 -18.44 -20.60
CA GLY A 338 0.40 -18.07 -21.77
C GLY A 338 -0.02 -16.76 -22.39
N ARG A 339 0.61 -16.39 -23.50
CA ARG A 339 0.35 -15.11 -24.16
C ARG A 339 -1.14 -15.07 -24.58
N PRO A 340 -1.85 -13.99 -24.26
CA PRO A 340 -3.27 -14.00 -24.59
C PRO A 340 -3.53 -14.41 -26.08
N ASN A 341 -4.55 -15.23 -26.22
CA ASN A 341 -4.93 -15.75 -27.51
C ASN A 341 -6.45 -15.81 -27.50
N PRO A 342 -7.12 -14.78 -28.03
CA PRO A 342 -8.59 -14.70 -28.07
C PRO A 342 -9.25 -15.85 -28.83
N ALA A 343 -8.55 -16.43 -29.79
CA ALA A 343 -9.13 -17.53 -30.55
C ALA A 343 -9.34 -18.77 -29.68
N ASN A 344 -8.91 -18.74 -28.41
CA ASN A 344 -9.02 -19.88 -27.50
C ASN A 344 -9.67 -19.40 -26.24
N PRO A 345 -10.98 -19.36 -26.19
CA PRO A 345 -11.61 -18.72 -25.03
C PRO A 345 -11.35 -19.49 -23.73
N PRO A 346 -11.01 -18.81 -22.65
CA PRO A 346 -10.82 -19.58 -21.40
C PRO A 346 -12.04 -20.41 -20.97
N GLU A 347 -11.86 -21.57 -20.36
CA GLU A 347 -12.97 -22.32 -19.79
C GLU A 347 -13.60 -21.57 -18.57
N LEU A 348 -12.74 -21.06 -17.68
CA LEU A 348 -13.17 -20.48 -16.42
C LEU A 348 -12.61 -19.09 -16.27
N LEU A 349 -13.43 -18.20 -15.72
CA LEU A 349 -13.03 -16.85 -15.33
C LEU A 349 -12.31 -16.10 -16.44
N PRO A 350 -12.98 -15.88 -17.57
CA PRO A 350 -12.27 -15.28 -18.69
C PRO A 350 -11.78 -13.87 -18.43
N SER A 351 -12.30 -13.21 -17.39
CA SER A 351 -11.84 -11.84 -17.03
C SER A 351 -10.60 -11.81 -16.14
N LEU A 352 -10.14 -12.98 -15.69
CA LEU A 352 -9.03 -13.04 -14.74
C LEU A 352 -7.80 -12.44 -15.43
N GLY A 353 -7.11 -11.52 -14.77
CA GLY A 353 -5.94 -10.93 -15.43
C GLY A 353 -6.16 -9.86 -16.46
N SER A 354 -7.38 -9.44 -16.64
CA SER A 354 -7.70 -8.38 -17.55
C SER A 354 -8.30 -7.23 -16.74
N TYR A 355 -8.41 -6.07 -17.36
CA TYR A 355 -8.96 -4.89 -16.66
C TYR A 355 -8.08 -4.42 -15.54
N ILE A 356 -6.78 -4.72 -15.63
CA ILE A 356 -5.89 -4.34 -14.55
C ILE A 356 -5.69 -2.87 -14.46
N THR A 357 -5.56 -2.40 -13.24
CA THR A 357 -5.40 -0.96 -13.02
C THR A 357 -4.16 -0.72 -12.17
N GLU A 358 -3.43 0.34 -12.46
CA GLU A 358 -2.36 0.83 -11.61
C GLU A 358 -2.45 2.34 -11.70
N GLN A 359 -2.15 2.99 -10.59
CA GLN A 359 -2.24 4.47 -10.48
C GLN A 359 -1.05 5.18 -11.09
N SER A 360 -1.32 6.30 -11.75
CA SER A 360 -0.23 7.20 -12.05
C SER A 360 0.21 7.87 -10.72
N LEU A 361 1.52 8.12 -10.61
CA LEU A 361 2.08 8.74 -9.41
C LEU A 361 3.01 9.86 -9.87
N VAL A 362 2.79 11.05 -9.30
CA VAL A 362 3.72 12.16 -9.47
C VAL A 362 4.28 12.53 -8.09
N PHE A 363 5.50 13.07 -8.10
CA PHE A 363 6.31 13.35 -6.93
C PHE A 363 7.19 14.57 -7.11
N CYS A 364 7.37 15.30 -6.02
CA CYS A 364 8.43 16.27 -5.85
C CYS A 364 8.67 16.51 -4.41
N GLN A 365 9.71 17.30 -4.10
CA GLN A 365 9.90 17.83 -2.72
C GLN A 365 10.13 19.35 -2.86
N THR A 366 9.75 20.08 -1.83
CA THR A 366 9.92 21.51 -1.74
C THR A 366 10.72 21.88 -0.52
N VAL A 367 11.28 23.09 -0.59
CA VAL A 367 11.98 23.73 0.55
C VAL A 367 11.10 24.88 1.04
N MET A 368 10.75 24.84 2.33
CA MET A 368 9.77 25.74 2.91
C MET A 368 10.10 27.22 2.57
N SER A 369 9.06 28.01 2.30
CA SER A 369 9.27 29.38 2.05
C SER A 369 9.80 30.17 3.25
N THR A 370 10.51 31.23 2.94
CA THR A 370 10.99 32.20 3.95
C THR A 370 9.77 32.72 4.79
N GLU A 371 8.68 33.05 4.08
CA GLU A 371 7.46 33.59 4.71
C GLU A 371 6.90 32.56 5.75
N LEU A 372 6.83 31.32 5.39
CA LEU A 372 6.29 30.31 6.33
C LEU A 372 7.16 30.10 7.51
N ILE A 373 8.48 30.05 7.30
CA ILE A 373 9.43 29.95 8.40
C ILE A 373 9.36 31.10 9.35
N ASP A 374 9.31 32.32 8.84
CA ASP A 374 9.21 33.48 9.68
C ASP A 374 7.92 33.44 10.46
N SER A 375 6.86 32.92 9.87
CA SER A 375 5.54 32.88 10.56
C SER A 375 5.55 32.00 11.81
N VAL A 376 6.47 31.03 11.87
CA VAL A 376 6.54 30.12 13.00
C VAL A 376 6.84 30.88 14.28
N LYS A 377 7.65 31.91 14.14
CA LYS A 377 8.10 32.73 15.26
C LYS A 377 7.43 34.11 15.37
N SER A 378 6.25 34.27 14.73
CA SER A 378 5.50 35.55 14.66
C SER A 378 5.14 36.10 16.07
N ASP A 379 4.94 35.21 17.06
CA ASP A 379 4.56 35.69 18.40
C ASP A 379 5.74 36.03 19.30
N MET A 380 6.98 35.81 18.87
CA MET A 380 8.14 36.02 19.74
C MET A 380 8.58 37.46 19.69
N THR A 381 8.97 38.02 20.83
CA THR A 381 9.79 39.21 20.86
C THR A 381 11.25 38.78 21.12
N ILE A 382 12.17 39.32 20.35
CA ILE A 382 13.57 38.96 20.47
C ILE A 382 14.28 40.21 20.92
N ARG A 383 15.17 40.08 21.91
CA ARG A 383 16.04 41.18 22.33
C ARG A 383 17.46 40.61 22.35
N GLY A 384 18.40 41.46 22.01
CA GLY A 384 19.80 41.10 22.12
C GLY A 384 20.11 40.26 20.91
N THR A 385 21.25 39.63 20.95
CA THR A 385 21.76 38.93 19.80
C THR A 385 22.21 37.51 20.23
N PRO A 386 21.89 36.53 19.39
CA PRO A 386 22.09 35.15 19.69
C PRO A 386 23.46 34.90 20.15
N GLY A 387 23.57 34.12 21.21
CA GLY A 387 24.86 33.82 21.73
C GLY A 387 25.37 34.73 22.83
N GLU A 388 24.71 35.86 23.02
CA GLU A 388 25.16 36.73 24.10
C GLU A 388 24.34 36.48 25.37
N LEU A 389 24.94 36.84 26.49
CA LEU A 389 24.34 36.79 27.84
C LEU A 389 22.96 37.48 27.88
N THR A 390 22.79 38.55 27.08
CA THR A 390 21.59 39.33 27.07
C THR A 390 20.45 38.85 26.17
N TYR A 391 20.70 37.79 25.40
CA TYR A 391 19.73 37.33 24.41
C TYR A 391 18.48 36.83 25.09
N SER A 392 17.34 37.26 24.58
CA SER A 392 16.08 36.93 25.18
C SER A 392 15.00 36.79 24.14
N VAL A 393 14.36 35.63 24.12
CA VAL A 393 13.20 35.37 23.31
C VAL A 393 12.04 35.09 24.22
N THR A 394 10.98 35.85 24.01
CA THR A 394 9.86 35.85 24.97
C THR A 394 8.57 35.87 24.22
N TYR A 395 7.51 35.42 24.86
CA TYR A 395 6.12 35.64 24.33
C TYR A 395 5.24 35.80 25.53
N THR A 396 4.05 36.37 25.30
CA THR A 396 3.04 36.44 26.33
C THR A 396 1.98 35.31 26.26
N PRO A 397 2.01 34.39 27.21
CA PRO A 397 1.08 33.32 27.12
C PRO A 397 -0.36 33.85 27.16
N GLY A 398 -1.29 33.20 26.45
CA GLY A 398 -2.70 33.65 26.51
C GLY A 398 -3.01 34.95 25.78
N ALA A 399 -2.00 35.73 25.40
CA ALA A 399 -2.24 36.98 24.72
C ALA A 399 -3.16 36.82 23.51
N SER A 400 -4.23 37.59 23.50
CA SER A 400 -5.20 37.49 22.44
C SER A 400 -4.64 37.92 21.06
N THR A 401 -3.56 38.71 21.02
CA THR A 401 -2.95 38.97 19.71
C THR A 401 -2.02 37.85 19.18
N ASN A 402 -1.77 36.79 19.95
CA ASN A 402 -0.85 35.72 19.49
C ASN A 402 -1.50 34.93 18.30
N LYS A 403 -0.73 34.50 17.32
CA LYS A 403 -1.28 33.71 16.22
C LYS A 403 -1.33 32.22 16.51
N HIS A 404 -0.57 31.79 17.51
CA HIS A 404 -0.36 30.38 17.76
C HIS A 404 -0.76 30.06 19.19
N PRO A 405 -1.07 28.78 19.48
CA PRO A 405 -1.34 28.36 20.87
C PRO A 405 -0.07 28.43 21.70
N ASP A 406 -0.25 28.43 23.03
CA ASP A 406 0.89 28.53 23.98
C ASP A 406 1.85 27.36 23.83
N TRP A 407 1.34 26.15 23.61
CA TRP A 407 2.25 25.00 23.45
C TRP A 407 3.20 25.14 22.31
N TRP A 408 2.74 25.78 21.25
CA TRP A 408 3.60 26.04 20.07
C TRP A 408 4.65 27.05 20.38
N ASN A 409 4.19 28.14 20.95
CA ASN A 409 5.06 29.23 21.44
C ASN A 409 6.12 28.83 22.45
N GLU A 410 5.77 27.92 23.35
CA GLU A 410 6.71 27.38 24.30
C GLU A 410 7.78 26.57 23.64
N LYS A 411 7.40 25.72 22.68
CA LYS A 411 8.33 24.95 21.93
C LYS A 411 9.29 25.84 21.19
N VAL A 412 8.76 26.88 20.51
CA VAL A 412 9.60 27.72 19.71
C VAL A 412 10.55 28.54 20.58
N LYS A 413 9.99 29.09 21.67
CA LYS A 413 10.82 29.83 22.65
C LYS A 413 11.96 28.99 23.14
N ASN A 414 11.66 27.77 23.59
CA ASN A 414 12.69 26.87 24.13
C ASN A 414 13.76 26.47 23.12
N HIS A 415 13.35 26.21 21.90
CA HIS A 415 14.31 25.90 20.87
C HIS A 415 15.24 27.05 20.63
N MET A 416 14.69 28.23 20.46
CA MET A 416 15.52 29.40 20.19
C MET A 416 16.47 29.80 21.34
N MET A 417 16.08 29.56 22.60
CA MET A 417 16.95 29.90 23.70
C MET A 417 17.98 28.84 23.99
N GLN A 418 17.65 27.59 23.67
CA GLN A 418 18.52 26.46 23.99
C GLN A 418 19.50 26.17 22.87
N HIS A 419 19.21 26.65 21.66
CA HIS A 419 20.03 26.41 20.46
C HIS A 419 20.25 27.67 19.74
N GLN A 420 21.00 28.54 20.38
CA GLN A 420 21.14 29.87 19.84
C GLN A 420 22.04 29.89 18.61
N GLU A 421 22.70 28.81 18.28
CA GLU A 421 23.46 28.67 17.04
C GLU A 421 22.58 28.22 15.90
N ASP A 422 21.35 27.77 16.17
CA ASP A 422 20.52 27.25 15.09
C ASP A 422 19.69 28.38 14.47
N PRO A 423 19.62 28.47 13.13
CA PRO A 423 18.92 29.59 12.50
C PRO A 423 17.42 29.42 12.27
N LEU A 424 16.87 28.26 12.59
CA LEU A 424 15.48 28.01 12.42
C LEU A 424 14.74 27.90 13.72
N PRO A 425 13.40 28.20 13.68
CA PRO A 425 12.56 28.27 14.85
C PRO A 425 11.86 26.96 15.17
N ILE A 426 12.04 25.98 14.32
CA ILE A 426 11.37 24.69 14.45
C ILE A 426 12.23 23.78 15.31
N PRO A 427 11.65 23.17 16.36
CA PRO A 427 12.46 22.25 17.18
C PRO A 427 13.00 21.06 16.42
N PHE A 428 14.17 20.58 16.85
CA PHE A 428 14.80 19.47 16.19
C PHE A 428 13.93 18.22 16.17
N GLU A 429 13.19 17.91 17.22
CA GLU A 429 12.41 16.68 17.14
C GLU A 429 10.96 16.85 16.65
N ASP A 430 10.69 17.99 16.04
CA ASP A 430 9.31 18.26 15.60
C ASP A 430 8.91 17.18 14.55
N PRO A 431 7.77 16.51 14.72
CA PRO A 431 7.37 15.49 13.73
C PRO A 431 7.02 16.08 12.39
N GLU A 432 7.00 15.21 11.35
CA GLU A 432 6.80 15.63 10.00
C GLU A 432 5.32 15.97 9.73
N PRO A 433 5.03 16.72 8.66
CA PRO A 433 3.67 16.85 8.26
C PRO A 433 3.11 15.55 7.74
N GLN A 434 1.80 15.39 7.92
CA GLN A 434 1.06 14.27 7.32
C GLN A 434 -0.26 14.82 6.75
N VAL A 435 -0.18 15.49 5.61
CA VAL A 435 -1.30 16.32 5.12
C VAL A 435 -1.93 15.72 3.80
N THR A 436 -3.25 15.82 3.71
CA THR A 436 -3.99 15.46 2.49
C THR A 436 -5.15 16.40 2.20
N THR A 437 -5.43 16.61 0.92
CA THR A 437 -6.75 16.90 0.45
C THR A 437 -7.19 15.66 -0.37
N LEU A 438 -8.19 15.01 0.19
CA LEU A 438 -8.72 13.78 -0.44
C LEU A 438 -9.29 14.01 -1.82
N PHE A 439 -9.24 12.96 -2.61
CA PHE A 439 -9.92 12.89 -3.95
C PHE A 439 -11.34 13.53 -3.91
N GLN A 440 -11.60 14.39 -4.90
CA GLN A 440 -12.92 14.95 -5.20
C GLN A 440 -13.11 15.08 -6.71
N PRO A 441 -14.37 15.10 -7.22
CA PRO A 441 -14.62 15.28 -8.64
C PRO A 441 -13.80 16.39 -9.32
N SER A 442 -13.61 17.52 -8.67
CA SER A 442 -12.82 18.67 -9.22
C SER A 442 -11.31 18.54 -9.01
N HIS A 443 -10.89 17.53 -8.24
CA HIS A 443 -9.46 17.22 -8.15
C HIS A 443 -9.34 15.74 -7.93
N PRO A 444 -9.48 14.99 -9.00
CA PRO A 444 -9.68 13.51 -8.88
C PRO A 444 -8.37 12.75 -8.77
N TRP A 445 -7.65 13.01 -7.68
CA TRP A 445 -6.41 12.36 -7.35
C TRP A 445 -6.30 12.39 -5.84
N HIS A 446 -5.64 11.40 -5.26
CA HIS A 446 -5.34 11.45 -3.85
C HIS A 446 -3.99 12.21 -3.72
N THR A 447 -3.75 12.75 -2.55
CA THR A 447 -2.60 13.54 -2.25
C THR A 447 -2.04 13.21 -0.85
N GLN A 448 -0.71 13.16 -0.74
CA GLN A 448 -0.02 12.94 0.59
C GLN A 448 1.15 13.93 0.56
N ILE A 449 1.17 14.75 1.59
CA ILE A 449 2.02 15.94 1.68
C ILE A 449 2.76 15.82 3.02
N GLY A 450 4.07 15.60 2.99
CA GLY A 450 4.80 15.45 4.26
C GLY A 450 6.20 14.88 4.15
N ARG A 451 6.46 13.86 4.94
CA ARG A 451 7.70 13.13 4.85
C ARG A 451 7.40 11.65 4.81
N ASP A 452 7.96 10.97 3.81
CA ASP A 452 7.68 9.58 3.55
C ASP A 452 8.99 8.89 3.70
N ALA A 453 9.02 7.76 4.37
CA ALA A 453 10.27 7.00 4.42
C ALA A 453 10.76 6.42 3.07
N PHE A 454 9.88 6.27 2.09
CA PHE A 454 10.22 5.72 0.80
C PHE A 454 10.82 6.80 -0.12
N SER A 455 12.09 7.12 0.08
CA SER A 455 12.74 8.09 -0.72
C SER A 455 13.12 7.42 -2.05
N TYR A 456 13.10 8.23 -3.09
CA TYR A 456 13.35 7.73 -4.47
C TYR A 456 14.73 8.06 -5.02
N GLY A 457 15.46 8.91 -4.37
CA GLY A 457 16.84 9.07 -4.71
C GLY A 457 17.75 9.29 -3.53
N ALA A 458 19.02 9.58 -3.81
CA ALA A 458 20.00 9.74 -2.76
C ALA A 458 19.45 10.78 -1.77
N VAL A 459 19.57 10.56 -0.47
CA VAL A 459 19.01 11.56 0.42
C VAL A 459 20.03 12.67 0.56
N GLN A 460 19.55 13.87 0.29
CA GLN A 460 20.39 15.05 0.36
C GLN A 460 20.64 15.46 1.84
N GLN A 461 21.75 16.14 2.04
CA GLN A 461 22.15 16.55 3.37
C GLN A 461 22.46 18.01 3.41
N SER A 462 22.37 18.70 2.26
CA SER A 462 22.81 20.07 2.34
C SER A 462 21.67 21.00 2.76
N ILE A 463 20.43 20.69 2.49
CA ILE A 463 19.29 21.52 2.97
C ILE A 463 18.73 20.92 4.28
N ASP A 464 18.55 21.75 5.28
CA ASP A 464 17.97 21.30 6.57
C ASP A 464 16.72 20.49 6.41
N SER A 465 16.68 19.27 7.00
CA SER A 465 15.53 18.40 6.81
C SER A 465 14.21 19.02 7.31
N ARG A 466 14.29 19.96 8.25
CA ARG A 466 13.06 20.56 8.76
C ARG A 466 12.33 21.38 7.69
N LEU A 467 13.06 21.81 6.64
CA LEU A 467 12.47 22.65 5.60
C LEU A 467 11.80 21.82 4.52
N ILE A 468 12.07 20.53 4.50
CA ILE A 468 11.68 19.70 3.37
C ILE A 468 10.27 19.10 3.51
N VAL A 469 9.49 19.20 2.43
CA VAL A 469 8.12 18.65 2.36
C VAL A 469 8.02 17.88 1.02
N ASP A 470 7.57 16.63 1.16
CA ASP A 470 7.32 15.73 0.04
C ASP A 470 5.88 15.92 -0.52
N TRP A 471 5.69 15.67 -1.83
CA TRP A 471 4.39 15.82 -2.47
C TRP A 471 4.19 14.58 -3.33
N ARG A 472 3.15 13.79 -3.09
CA ARG A 472 2.80 12.61 -3.90
C ARG A 472 1.33 12.72 -4.26
N PHE A 473 1.00 12.72 -5.56
CA PHE A 473 -0.33 12.80 -6.07
C PHE A 473 -0.58 11.51 -6.89
N PHE A 474 -1.71 10.90 -6.63
CA PHE A 474 -2.06 9.57 -7.14
C PHE A 474 -3.27 9.62 -8.00
N GLY A 475 -3.15 9.21 -9.28
CA GLY A 475 -4.25 9.28 -10.20
C GLY A 475 -5.08 7.98 -10.27
N ARG A 476 -6.29 8.06 -10.75
CA ARG A 476 -7.07 6.86 -10.96
C ARG A 476 -6.98 6.43 -12.41
N THR A 477 -7.10 5.13 -12.60
CA THR A 477 -6.90 4.56 -13.91
C THR A 477 -8.16 3.74 -14.35
N GLU A 478 -8.77 4.12 -15.44
CA GLU A 478 -9.90 3.38 -16.09
C GLU A 478 -9.52 1.92 -16.31
N PRO A 479 -10.40 1.02 -15.89
CA PRO A 479 -10.20 -0.39 -16.19
C PRO A 479 -10.48 -0.68 -17.66
N LYS A 480 -9.53 -1.33 -18.32
CA LYS A 480 -9.66 -1.64 -19.75
C LYS A 480 -9.29 -3.04 -20.03
N GLU A 481 -10.12 -3.74 -20.81
CA GLU A 481 -9.87 -5.16 -21.07
C GLU A 481 -8.47 -5.45 -21.56
N GLU A 482 -7.97 -4.58 -22.43
CA GLU A 482 -6.67 -4.77 -23.03
C GLU A 482 -5.49 -4.69 -22.06
N ASN A 483 -5.70 -4.07 -20.92
CA ASN A 483 -4.59 -3.98 -19.92
C ASN A 483 -4.56 -5.27 -19.11
N LYS A 484 -3.43 -6.02 -19.18
CA LYS A 484 -3.42 -7.39 -18.67
C LYS A 484 -2.20 -7.72 -17.88
N LEU A 485 -2.37 -8.63 -16.95
CA LEU A 485 -1.31 -9.38 -16.29
C LEU A 485 -1.50 -10.80 -16.78
N TRP A 486 -0.47 -11.41 -17.41
CA TRP A 486 -0.57 -12.82 -17.84
C TRP A 486 0.68 -13.54 -17.50
N PHE A 487 0.63 -14.84 -17.70
CA PHE A 487 1.71 -15.71 -17.16
C PHE A 487 2.25 -16.60 -18.27
N SER A 488 3.57 -16.66 -18.37
CA SER A 488 4.22 -17.42 -19.43
C SER A 488 3.95 -18.90 -19.31
N ASP A 489 3.78 -19.55 -20.46
CA ASP A 489 3.72 -21.04 -20.48
C ASP A 489 5.08 -21.69 -20.65
N LYS A 490 6.13 -20.88 -20.73
CA LYS A 490 7.53 -21.34 -20.93
C LYS A 490 8.49 -20.83 -19.80
N ILE A 491 8.47 -19.53 -19.51
CA ILE A 491 9.44 -18.94 -18.66
C ILE A 491 8.86 -19.11 -17.22
N THR A 492 9.71 -19.42 -16.27
CA THR A 492 9.32 -19.54 -14.89
C THR A 492 10.13 -18.54 -14.04
N ASP A 493 9.57 -18.22 -12.86
CA ASP A 493 10.17 -17.31 -11.90
C ASP A 493 11.04 -18.10 -10.90
N ALA A 494 11.47 -17.41 -9.87
CA ALA A 494 12.37 -17.98 -8.92
C ALA A 494 11.79 -19.15 -8.14
N TYR A 495 10.47 -19.31 -8.11
CA TYR A 495 9.82 -20.37 -7.34
C TYR A 495 9.22 -21.39 -8.30
N ASN A 496 9.73 -21.38 -9.53
CA ASN A 496 9.34 -22.35 -10.46
C ASN A 496 7.86 -22.29 -10.86
N MET A 497 7.35 -21.08 -10.85
CA MET A 497 5.95 -20.82 -11.19
C MET A 497 5.91 -19.97 -12.49
N PRO A 498 4.83 -20.04 -13.24
CA PRO A 498 4.71 -19.27 -14.51
C PRO A 498 5.07 -17.77 -14.32
N GLN A 499 5.91 -17.28 -15.19
CA GLN A 499 6.52 -15.97 -15.06
C GLN A 499 5.48 -14.88 -15.36
N PRO A 500 5.24 -13.95 -14.41
CA PRO A 500 4.32 -12.80 -14.68
C PRO A 500 4.86 -11.89 -15.75
N THR A 501 3.92 -11.40 -16.61
CA THR A 501 4.21 -10.51 -17.73
C THR A 501 3.06 -9.48 -17.78
N PHE A 502 3.40 -8.19 -17.93
CA PHE A 502 2.39 -7.18 -18.08
C PHE A 502 2.26 -6.78 -19.53
N ASP A 503 1.04 -6.41 -19.89
CA ASP A 503 0.77 -5.68 -21.09
C ASP A 503 -0.14 -4.54 -20.71
N PHE A 504 0.49 -3.39 -20.48
CA PHE A 504 -0.15 -2.23 -19.85
C PHE A 504 0.29 -0.91 -20.48
N ARG A 505 -0.66 -0.03 -20.70
CA ARG A 505 -0.42 1.41 -20.93
C ARG A 505 -1.51 2.17 -20.19
N PHE A 506 -1.24 3.40 -19.74
CA PHE A 506 -2.28 4.24 -19.18
C PHE A 506 -3.30 4.55 -20.32
N PRO A 507 -4.60 4.33 -20.10
CA PRO A 507 -5.58 4.54 -21.15
C PRO A 507 -5.55 5.96 -21.61
N ALA A 508 -5.72 6.09 -22.91
CA ALA A 508 -5.97 7.32 -23.53
C ALA A 508 -7.35 7.82 -22.97
N GLY A 509 -7.55 9.07 -23.12
CA GLY A 509 -8.79 9.70 -22.71
C GLY A 509 -8.64 10.20 -21.28
N ARG A 510 -9.65 9.91 -20.45
CA ARG A 510 -9.72 10.53 -19.11
C ARG A 510 -8.51 10.23 -18.28
N THR A 511 -8.08 8.96 -18.25
CA THR A 511 -6.91 8.59 -17.37
C THR A 511 -5.71 9.48 -17.70
N SER A 512 -5.42 9.64 -18.98
CA SER A 512 -4.24 10.36 -19.41
C SER A 512 -4.40 11.86 -19.19
N LYS A 513 -5.56 12.41 -19.54
CA LYS A 513 -5.88 13.81 -19.27
C LYS A 513 -5.78 14.15 -17.77
N GLU A 514 -6.35 13.28 -16.93
CA GLU A 514 -6.24 13.51 -15.47
C GLU A 514 -4.82 13.43 -14.94
N ALA A 515 -4.04 12.54 -15.45
CA ALA A 515 -2.68 12.30 -14.94
C ALA A 515 -1.85 13.59 -15.20
N GLU A 516 -2.01 14.21 -16.36
CA GLU A 516 -1.29 15.40 -16.66
C GLU A 516 -1.85 16.61 -15.92
N ASP A 517 -3.19 16.73 -15.76
CA ASP A 517 -3.77 17.71 -14.89
C ASP A 517 -3.35 17.59 -13.41
N MET A 518 -3.11 16.34 -12.97
CA MET A 518 -2.67 16.06 -11.65
C MET A 518 -1.26 16.57 -11.43
N MET A 519 -0.41 16.34 -12.45
CA MET A 519 0.95 16.87 -12.43
C MET A 519 0.91 18.40 -12.25
N THR A 520 0.08 19.07 -13.01
CA THR A 520 -0.01 20.52 -12.94
C THR A 520 -0.46 20.99 -11.59
N ASP A 521 -1.48 20.30 -11.07
CA ASP A 521 -2.04 20.57 -9.75
C ASP A 521 -0.98 20.45 -8.68
N MET A 522 -0.09 19.47 -8.78
CA MET A 522 0.95 19.33 -7.80
C MET A 522 1.92 20.52 -7.91
N CYS A 523 2.26 20.94 -9.14
CA CYS A 523 3.07 22.14 -9.29
C CYS A 523 2.47 23.41 -8.71
N VAL A 524 1.17 23.60 -8.94
CA VAL A 524 0.46 24.77 -8.50
C VAL A 524 0.38 24.76 -6.99
N MET A 525 -0.03 23.64 -6.41
CA MET A 525 -0.25 23.59 -4.95
C MET A 525 1.07 23.65 -4.19
N SER A 526 2.11 22.95 -4.63
CA SER A 526 3.34 22.86 -3.90
C SER A 526 4.00 24.22 -3.78
N ALA A 527 3.78 25.04 -4.79
CA ALA A 527 4.35 26.38 -4.86
C ALA A 527 3.87 27.30 -3.76
N LYS A 528 2.70 26.97 -3.16
CA LYS A 528 2.18 27.72 -2.05
C LYS A 528 2.99 27.52 -0.77
N ILE A 529 3.77 26.43 -0.73
CA ILE A 529 4.55 26.10 0.43
C ILE A 529 6.03 26.47 0.26
N GLY A 530 6.55 26.26 -0.91
CA GLY A 530 7.93 26.62 -1.22
C GLY A 530 8.26 26.17 -2.62
N GLY A 531 9.41 26.59 -3.09
CA GLY A 531 9.95 26.10 -4.33
C GLY A 531 10.48 24.65 -4.29
N PHE A 532 10.63 24.06 -5.47
CA PHE A 532 11.12 22.69 -5.58
C PHE A 532 12.52 22.55 -5.08
N LEU A 533 12.80 21.37 -4.49
CA LEU A 533 14.12 20.97 -4.07
C LEU A 533 14.92 20.45 -5.23
N PRO A 534 16.09 21.05 -5.53
CA PRO A 534 16.81 20.51 -6.65
C PRO A 534 17.13 19.05 -6.39
N GLY A 535 16.93 18.20 -7.37
CA GLY A 535 17.15 16.80 -7.17
C GLY A 535 15.89 16.02 -6.93
N SER A 536 14.82 16.74 -6.68
CA SER A 536 13.50 16.17 -6.51
C SER A 536 12.46 17.01 -7.22
N LEU A 537 12.71 17.25 -8.50
CA LEU A 537 11.82 18.11 -9.27
C LEU A 537 10.62 17.28 -9.67
N PRO A 538 9.55 17.94 -10.07
CA PRO A 538 8.30 17.27 -10.38
C PRO A 538 8.41 16.25 -11.53
N GLN A 539 7.98 15.05 -11.27
CA GLN A 539 8.17 13.91 -12.17
C GLN A 539 7.13 12.82 -12.01
N PHE A 540 6.87 12.11 -13.11
CA PHE A 540 6.09 10.88 -13.01
C PHE A 540 7.01 9.82 -12.54
N MET A 541 6.50 8.92 -11.69
CA MET A 541 7.32 7.80 -11.19
C MET A 541 7.16 6.59 -12.07
N GLU A 542 8.12 5.69 -12.01
CA GLU A 542 8.13 4.52 -12.89
C GLU A 542 6.83 3.77 -12.72
N PRO A 543 6.21 3.29 -13.83
CA PRO A 543 4.91 2.66 -13.74
C PRO A 543 4.90 1.52 -12.79
N GLY A 544 3.99 1.55 -11.83
CA GLY A 544 3.93 0.49 -10.88
C GLY A 544 4.70 0.61 -9.61
N LEU A 545 5.66 1.54 -9.56
CA LEU A 545 6.37 1.75 -8.33
C LEU A 545 5.47 1.99 -7.18
N VAL A 546 4.33 2.64 -7.46
CA VAL A 546 3.31 2.97 -6.49
C VAL A 546 2.70 1.78 -5.76
N LEU A 547 2.67 0.64 -6.42
CA LEU A 547 2.23 -0.62 -5.82
C LEU A 547 0.76 -0.56 -5.33
N HIS A 548 -0.11 -0.01 -6.18
CA HIS A 548 -1.50 0.11 -5.96
C HIS A 548 -2.33 -0.65 -6.98
N LEU A 549 -1.72 -1.72 -7.50
CA LEU A 549 -2.30 -2.55 -8.57
C LEU A 549 -3.66 -3.09 -8.15
N GLY A 550 -4.65 -2.92 -9.02
CA GLY A 550 -5.98 -3.48 -8.77
C GLY A 550 -6.52 -4.27 -9.94
N GLY A 551 -7.67 -4.92 -9.70
CA GLY A 551 -8.51 -5.39 -10.83
C GLY A 551 -8.06 -6.68 -11.44
N THR A 552 -7.06 -7.32 -10.88
CA THR A 552 -6.51 -8.55 -11.46
C THR A 552 -7.40 -9.79 -11.31
N HIS A 553 -8.37 -9.74 -10.37
CA HIS A 553 -9.33 -10.80 -10.11
C HIS A 553 -10.59 -10.14 -9.62
N ARG A 554 -11.11 -9.26 -10.47
CA ARG A 554 -12.05 -8.23 -10.02
C ARG A 554 -13.44 -8.69 -9.62
N MET A 555 -14.01 -7.87 -8.73
CA MET A 555 -15.33 -8.05 -8.18
C MET A 555 -16.46 -7.42 -8.99
N GLY A 556 -17.59 -8.11 -9.00
CA GLY A 556 -18.84 -7.54 -9.45
C GLY A 556 -20.04 -8.41 -9.18
N PHE A 557 -21.19 -7.94 -9.64
CA PHE A 557 -22.48 -8.63 -9.36
C PHE A 557 -22.65 -9.82 -10.28
N ASP A 558 -22.29 -9.69 -11.52
CA ASP A 558 -22.58 -10.73 -12.53
C ASP A 558 -21.31 -11.01 -13.37
N GLU A 559 -20.94 -12.29 -13.43
CA GLU A 559 -19.63 -12.65 -14.04
C GLU A 559 -19.49 -12.10 -15.43
N LYS A 560 -20.54 -12.30 -16.20
CA LYS A 560 -20.54 -11.92 -17.61
C LYS A 560 -20.77 -10.40 -17.78
N GLU A 561 -21.86 -9.84 -17.22
CA GLU A 561 -22.19 -8.43 -17.44
C GLU A 561 -21.19 -7.46 -16.88
N ASP A 562 -20.59 -7.81 -15.73
CA ASP A 562 -19.62 -6.94 -15.10
C ASP A 562 -18.12 -7.38 -15.31
N ASN A 563 -17.90 -8.36 -16.21
CA ASN A 563 -16.57 -8.77 -16.62
C ASN A 563 -15.72 -9.01 -15.36
N CYS A 564 -16.11 -10.01 -14.54
CA CYS A 564 -15.53 -10.13 -13.25
C CYS A 564 -15.27 -11.59 -12.82
N CYS A 565 -14.50 -11.74 -11.72
CA CYS A 565 -14.05 -13.02 -11.18
C CYS A 565 -14.64 -13.45 -9.82
N VAL A 566 -14.99 -12.48 -8.95
CA VAL A 566 -15.59 -12.80 -7.71
C VAL A 566 -16.88 -11.97 -7.57
N ASN A 567 -17.81 -12.46 -6.77
CA ASN A 567 -19.03 -11.71 -6.46
C ASN A 567 -18.79 -10.82 -5.25
N THR A 568 -19.85 -10.18 -4.72
CA THR A 568 -19.68 -9.28 -3.62
C THR A 568 -19.39 -9.92 -2.26
N ASP A 569 -19.40 -11.24 -2.15
CA ASP A 569 -18.89 -11.92 -0.95
C ASP A 569 -17.45 -12.39 -1.19
N SER A 570 -16.87 -11.94 -2.32
CA SER A 570 -15.51 -12.26 -2.80
C SER A 570 -15.40 -13.76 -3.08
N ARG A 571 -16.53 -14.41 -3.38
CA ARG A 571 -16.56 -15.83 -3.80
C ARG A 571 -16.38 -15.98 -5.31
N VAL A 572 -15.46 -16.84 -5.73
CA VAL A 572 -15.21 -17.11 -7.13
C VAL A 572 -16.45 -17.76 -7.77
N PHE A 573 -16.93 -17.15 -8.84
CA PHE A 573 -18.16 -17.58 -9.48
C PHE A 573 -18.09 -19.07 -9.76
N GLY A 574 -19.16 -19.77 -9.45
CA GLY A 574 -19.24 -21.19 -9.74
C GLY A 574 -18.75 -22.07 -8.57
N PHE A 575 -17.92 -21.54 -7.64
CA PHE A 575 -17.24 -22.36 -6.66
C PHE A 575 -17.79 -22.07 -5.30
N LYS A 576 -18.26 -23.11 -4.62
CA LYS A 576 -18.89 -22.91 -3.30
C LYS A 576 -17.93 -22.46 -2.19
N ASN A 577 -16.65 -22.86 -2.27
CA ASN A 577 -15.74 -22.74 -1.14
C ASN A 577 -14.38 -22.10 -1.46
N LEU A 578 -14.35 -21.19 -2.43
CA LEU A 578 -13.11 -20.50 -2.84
C LEU A 578 -13.39 -19.04 -2.82
N PHE A 579 -12.57 -18.31 -2.09
CA PHE A 579 -12.69 -16.87 -1.93
C PHE A 579 -11.37 -16.20 -2.17
N LEU A 580 -11.42 -15.00 -2.75
CA LEU A 580 -10.18 -14.23 -3.05
C LEU A 580 -10.26 -12.91 -2.26
N GLY A 581 -9.14 -12.53 -1.65
CA GLY A 581 -9.05 -11.27 -0.94
C GLY A 581 -7.91 -10.44 -1.49
N GLY A 582 -8.11 -9.12 -1.46
CA GLY A 582 -7.00 -8.16 -1.72
C GLY A 582 -7.42 -7.14 -2.77
N CYS A 583 -6.48 -6.26 -3.13
CA CYS A 583 -6.70 -5.18 -4.09
C CYS A 583 -7.05 -5.65 -5.47
N GLY A 584 -6.65 -6.88 -5.81
CA GLY A 584 -7.11 -7.52 -7.04
C GLY A 584 -8.63 -7.59 -7.25
N ASN A 585 -9.36 -7.61 -6.14
CA ASN A 585 -10.77 -7.55 -6.16
C ASN A 585 -11.32 -6.24 -6.67
N ILE A 586 -10.61 -5.14 -6.50
CA ILE A 586 -11.19 -3.86 -6.69
C ILE A 586 -11.34 -3.56 -8.15
N PRO A 587 -12.59 -3.30 -8.66
CA PRO A 587 -12.89 -3.26 -10.12
C PRO A 587 -12.94 -1.85 -10.69
N THR A 588 -12.75 -0.85 -9.83
CA THR A 588 -13.04 0.57 -10.15
C THR A 588 -11.71 1.32 -10.40
N ALA A 589 -11.85 2.52 -10.90
CA ALA A 589 -10.72 3.42 -11.06
C ALA A 589 -10.57 4.20 -9.73
N TYR A 590 -9.48 4.03 -9.02
CA TYR A 590 -9.34 4.67 -7.71
C TYR A 590 -7.99 5.35 -7.63
N GLY A 591 -7.92 6.44 -6.88
CA GLY A 591 -6.67 7.15 -6.66
C GLY A 591 -6.15 7.04 -5.21
N ALA A 592 -7.07 6.86 -4.28
CA ALA A 592 -6.72 6.72 -2.87
C ALA A 592 -6.00 5.37 -2.60
N ASN A 593 -5.32 5.24 -1.50
CA ASN A 593 -4.59 4.00 -1.21
C ASN A 593 -5.62 2.83 -0.97
N PRO A 594 -5.39 1.64 -1.59
CA PRO A 594 -6.51 0.67 -1.65
C PRO A 594 -6.69 -0.30 -0.50
N THR A 595 -5.73 -0.36 0.43
CA THR A 595 -5.76 -1.50 1.41
C THR A 595 -6.98 -1.55 2.32
N LEU A 596 -7.38 -0.38 2.86
CA LEU A 596 -8.56 -0.27 3.71
C LEU A 596 -9.80 -0.78 3.00
N THR A 597 -9.93 -0.44 1.72
CA THR A 597 -11.04 -0.92 0.90
C THR A 597 -11.02 -2.42 0.73
N ALA A 598 -9.84 -2.95 0.42
CA ALA A 598 -9.68 -4.40 0.34
C ALA A 598 -10.02 -5.07 1.66
N MET A 599 -9.65 -4.49 2.77
CA MET A 599 -9.96 -5.11 4.09
C MET A 599 -11.47 -5.09 4.33
N SER A 600 -12.12 -4.03 3.91
CA SER A 600 -13.53 -3.90 4.12
C SER A 600 -14.25 -5.02 3.34
N LEU A 601 -13.80 -5.26 2.10
CA LEU A 601 -14.36 -6.37 1.31
C LEU A 601 -14.10 -7.71 1.96
N ALA A 602 -12.91 -7.91 2.53
CA ALA A 602 -12.61 -9.13 3.27
C ALA A 602 -13.54 -9.34 4.46
N ILE A 603 -13.83 -8.28 5.16
CA ILE A 603 -14.81 -8.38 6.28
C ILE A 603 -16.17 -8.91 5.84
N LYS A 604 -16.68 -8.34 4.76
CA LYS A 604 -17.92 -8.75 4.17
C LYS A 604 -17.83 -10.23 3.70
N SER A 605 -16.71 -10.61 3.13
CA SER A 605 -16.54 -12.02 2.68
C SER A 605 -16.63 -12.99 3.91
N CYS A 606 -16.07 -12.55 5.03
CA CYS A 606 -16.09 -13.34 6.23
C CYS A 606 -17.48 -13.50 6.83
N GLU A 607 -18.32 -12.49 6.62
CA GLU A 607 -19.70 -12.57 7.08
C GLU A 607 -20.37 -13.73 6.33
N TYR A 608 -20.15 -13.76 5.01
CA TYR A 608 -20.61 -14.87 4.18
C TYR A 608 -20.14 -16.24 4.66
N ILE A 609 -18.83 -16.34 4.92
CA ILE A 609 -18.29 -17.60 5.42
C ILE A 609 -18.94 -18.05 6.72
N LYS A 610 -19.05 -17.13 7.67
CA LYS A 610 -19.62 -17.50 8.98
C LYS A 610 -21.11 -17.92 8.87
N GLN A 611 -21.83 -17.38 7.85
CA GLN A 611 -23.23 -17.66 7.62
C GLN A 611 -23.47 -18.92 6.83
N ASN A 612 -22.40 -19.52 6.27
CA ASN A 612 -22.57 -20.62 5.37
C ASN A 612 -21.71 -21.87 5.60
N PHE A 613 -20.78 -21.81 6.54
CA PHE A 613 -19.92 -22.96 6.82
C PHE A 613 -19.87 -23.09 8.32
N THR A 614 -19.94 -24.31 8.83
CA THR A 614 -19.95 -24.54 10.28
C THR A 614 -18.54 -24.92 10.75
N PRO A 615 -18.01 -24.31 11.82
CA PRO A 615 -16.70 -24.74 12.30
C PRO A 615 -16.70 -26.10 12.88
N SER A 616 -15.59 -26.82 12.79
CA SER A 616 -15.49 -28.14 13.43
C SER A 616 -15.58 -27.97 14.93
N PRO A 617 -16.03 -29.00 15.67
CA PRO A 617 -15.94 -28.85 17.12
C PRO A 617 -14.48 -29.00 17.56
N PHE A 618 -14.14 -28.37 18.68
CA PHE A 618 -12.77 -28.36 19.15
C PHE A 618 -12.40 -29.67 19.87
PA FDA B . 0.55 -8.57 0.72
O1A FDA B . 1.30 -8.57 -0.58
O2A FDA B . 0.87 -7.58 1.74
O5B FDA B . 0.75 -10.03 1.36
C5B FDA B . 0.54 -11.17 0.52
C4B FDA B . 1.43 -12.32 0.96
O4B FDA B . 1.25 -13.57 0.38
C3B FDA B . 2.92 -12.13 1.26
O3B FDA B . 3.40 -12.06 2.55
C2B FDA B . 3.61 -13.09 0.43
O2B FDA B . 4.85 -13.57 0.87
C1B FDA B . 2.56 -14.10 0.17
N9A FDA B . 2.67 -15.05 -0.90
C8A FDA B . 2.71 -14.60 -2.13
N7A FDA B . 2.67 -15.66 -2.97
C5A FDA B . 2.42 -16.76 -2.18
C6A FDA B . 2.28 -18.09 -2.51
N6A FDA B . 2.29 -18.55 -3.72
N1A FDA B . 2.16 -18.99 -1.47
C2A FDA B . 2.10 -18.58 -0.18
N3A FDA B . 2.24 -17.29 0.12
C4A FDA B . 2.38 -16.40 -0.88
N1 FDA B . -1.22 0.56 0.89
C2 FDA B . -2.04 1.42 1.46
O2 FDA B . -3.27 1.20 1.45
N3 FDA B . -1.54 2.49 2.17
C4 FDA B . -0.28 2.77 2.37
O4 FDA B . 0.11 3.81 2.92
C4X FDA B . 0.62 1.91 1.61
N5 FDA B . 1.93 2.19 1.56
C5X FDA B . 2.79 1.31 0.91
C6 FDA B . 4.16 1.60 0.88
C7 FDA B . 5.11 0.70 0.39
C7M FDA B . 6.50 1.33 0.13
C8 FDA B . 4.65 -0.59 -0.07
C8M FDA B . 5.62 -1.77 -0.21
C9 FDA B . 3.27 -0.91 0.09
C9A FDA B . 2.36 0.08 0.52
N10 FDA B . 0.98 -0.10 0.33
C10 FDA B . 0.11 0.77 1.00
C1' FDA B . 0.38 -1.38 -0.25
C2' FDA B . -0.06 -2.36 0.86
O2' FDA B . 1.08 -2.73 1.62
C3' FDA B . -0.65 -3.60 0.17
O3' FDA B . -1.78 -3.14 -0.56
C4' FDA B . -1.11 -4.63 1.17
O4' FDA B . -0.06 -5.12 2.02
C5' FDA B . -1.85 -5.80 0.46
O5' FDA B . -2.20 -6.76 1.40
P FDA B . -2.41 -8.30 0.98
O1P FDA B . -2.51 -9.02 2.29
O2P FDA B . -3.44 -8.48 -0.09
O3P FDA B . -1.00 -8.63 0.24
C1 G2F C . 2.94 6.75 -0.41
C2 G2F C . 1.71 5.95 -0.12
C3 G2F C . 1.75 4.56 -0.67
C4 G2F C . 2.52 4.26 -1.96
C5 G2F C . 3.75 5.16 -2.12
C6 G2F C . 4.28 5.23 -3.48
O1 G2F C . 3.98 6.28 0.55
O3 G2F C . 0.50 3.95 -0.52
O4 G2F C . 2.75 2.87 -2.20
O5 G2F C . 3.67 6.48 -1.61
O6 G2F C . 5.67 4.89 -3.50
F2 G2F C . 1.34 5.94 1.20
#